data_5ZV5
#
_entry.id   5ZV5
#
_cell.length_a   74.757
_cell.length_b   86.742
_cell.length_c   95.805
_cell.angle_alpha   90.00
_cell.angle_beta   90.00
_cell.angle_gamma   90.00
#
_symmetry.space_group_name_H-M   'P 21 21 21'
#
loop_
_entity.id
_entity.type
_entity.pdbx_description
1 polymer VP1
2 branched alpha-L-fucopyranose-(1-2)-[2-acetamido-2-deoxy-alpha-D-galactopyranose-(1-3)]alpha-D-galactopyranose
3 water water
#
_entity_poly.entity_id   1
_entity_poly.type   'polypeptide(L)'
_entity_poly.pdbx_seq_one_letter_code
;SKTKPFSLPILTLSELTNSRFPVPIDSLFTAQNNVLQVQCQNGRCTLDGELQGTTQLLPSGICAFRGRVTAQINQRDRWH
MQLQNLNGTTYDPTDDVPAPLGTPDFKGVVFGMVSQRNVGNDAPGSTRAQQAWVSTYSPQFVPKLGSVNLRISDNDDFQF
QPTKFTPVGVNDDDDGHPFRQWELPNYSGELTLNMNLAPPVAPNFPGEQLLFFRSFVPCSGGYNQGIIDCLIPQEWIQHF
YQESAPSQSDVALIRYVNPDTGRTLFEAKLHRSGYITVAHSGDYPLVVPANGHFRFDSWVNQFYSLAPM
;
_entity_poly.pdbx_strand_id   A,B
#
# COMPACT_ATOMS: atom_id res chain seq x y z
N LYS A 4 -16.90 16.14 13.76
CA LYS A 4 -18.37 16.38 13.92
C LYS A 4 -19.09 16.40 12.55
N PRO A 5 -18.79 17.37 11.67
CA PRO A 5 -19.41 17.23 10.34
C PRO A 5 -18.74 16.14 9.48
N PHE A 6 -19.57 15.41 8.76
CA PHE A 6 -19.08 14.32 7.92
C PHE A 6 -18.40 14.88 6.67
N SER A 7 -17.42 14.12 6.15
CA SER A 7 -16.75 14.48 4.91
C SER A 7 -16.03 13.30 4.26
N LEU A 8 -15.64 13.51 3.02
CA LEU A 8 -14.84 12.54 2.28
C LEU A 8 -13.48 13.14 2.05
N PRO A 9 -12.44 12.28 1.92
CA PRO A 9 -11.19 12.83 1.40
C PRO A 9 -11.37 13.24 -0.06
N ILE A 10 -10.60 14.22 -0.51
CA ILE A 10 -10.70 14.71 -1.88
C ILE A 10 -9.62 14.05 -2.72
N LEU A 11 -10.00 13.04 -3.47
CA LEU A 11 -9.04 12.19 -4.16
C LEU A 11 -9.66 11.69 -5.47
N THR A 12 -8.91 11.82 -6.57
CA THR A 12 -9.33 11.26 -7.84
C THR A 12 -9.16 9.75 -7.83
N LEU A 13 -9.72 9.07 -8.83
CA LEU A 13 -9.64 7.61 -8.88
C LEU A 13 -8.22 7.09 -8.83
N SER A 14 -7.31 7.74 -9.55
CA SER A 14 -5.93 7.29 -9.58
C SER A 14 -5.17 7.65 -8.29
N GLU A 15 -5.82 8.40 -7.41
CA GLU A 15 -5.28 8.71 -6.10
C GLU A 15 -5.93 7.83 -5.03
N LEU A 16 -6.59 6.75 -5.46
CA LEU A 16 -7.30 5.86 -4.54
C LEU A 16 -6.78 4.44 -4.67
N THR A 17 -6.89 3.70 -3.57
CA THR A 17 -6.40 2.34 -3.41
C THR A 17 -7.59 1.45 -3.15
N ASN A 18 -7.63 0.32 -3.84
CA ASN A 18 -8.66 -0.68 -3.65
C ASN A 18 -8.55 -1.22 -2.24
N SER A 19 -9.67 -1.32 -1.55
CA SER A 19 -9.68 -1.82 -0.18
C SER A 19 -9.72 -3.34 -0.09
N ARG A 20 -9.83 -4.02 -1.23
CA ARG A 20 -9.85 -5.47 -1.24
C ARG A 20 -8.59 -6.11 -1.90
N PHE A 21 -7.77 -5.27 -2.51
CA PHE A 21 -6.46 -5.71 -3.00
C PHE A 21 -5.52 -4.49 -3.10
N PRO A 22 -4.23 -4.66 -2.79
CA PRO A 22 -3.36 -3.48 -2.67
C PRO A 22 -2.89 -2.93 -4.01
N VAL A 23 -3.82 -2.39 -4.78
CA VAL A 23 -3.54 -1.75 -6.04
C VAL A 23 -4.39 -0.51 -6.15
N PRO A 24 -4.06 0.36 -7.11
CA PRO A 24 -4.90 1.54 -7.33
C PRO A 24 -6.26 1.20 -7.92
N ILE A 25 -7.22 2.08 -7.70
CA ILE A 25 -8.50 2.03 -8.40
C ILE A 25 -8.32 2.40 -9.87
N ASP A 26 -8.93 1.63 -10.76
CA ASP A 26 -8.91 1.90 -12.20
C ASP A 26 -10.17 2.61 -12.71
N SER A 27 -11.34 2.26 -12.19
CA SER A 27 -12.58 2.82 -12.70
C SER A 27 -13.73 2.59 -11.76
N LEU A 28 -14.86 3.19 -12.12
CA LEU A 28 -16.12 2.98 -11.39
C LEU A 28 -17.01 2.07 -12.22
N PHE A 29 -17.77 1.22 -11.54
CA PHE A 29 -18.62 0.25 -12.20
C PHE A 29 -19.88 0.04 -11.39
N THR A 30 -21.03 0.05 -12.07
CA THR A 30 -22.29 -0.31 -11.41
C THR A 30 -22.79 -1.60 -12.02
N ALA A 31 -23.25 -2.49 -11.15
CA ALA A 31 -23.59 -3.85 -11.55
C ALA A 31 -25.09 -4.09 -11.48
N GLN A 32 -25.59 -4.79 -12.48
CA GLN A 32 -26.95 -5.31 -12.46
C GLN A 32 -27.17 -6.10 -11.18
N ASN A 33 -28.32 -5.89 -10.54
CA ASN A 33 -28.66 -6.63 -9.33
C ASN A 33 -28.87 -8.10 -9.63
N ASN A 34 -28.20 -8.95 -8.86
CA ASN A 34 -28.26 -10.39 -9.05
C ASN A 34 -28.64 -11.13 -7.79
N VAL A 35 -28.92 -12.42 -7.97
CA VAL A 35 -29.27 -13.30 -6.84
C VAL A 35 -28.01 -13.47 -5.97
N LEU A 36 -26.85 -13.37 -6.60
CA LEU A 36 -25.57 -13.53 -5.92
C LEU A 36 -25.26 -12.39 -4.93
N GLN A 37 -24.86 -12.79 -3.73
CA GLN A 37 -24.73 -11.88 -2.59
C GLN A 37 -23.37 -11.20 -2.47
N VAL A 38 -23.38 -9.89 -2.24
CA VAL A 38 -22.16 -9.14 -2.00
C VAL A 38 -21.91 -9.09 -0.50
N GLN A 39 -20.83 -9.74 -0.06
CA GLN A 39 -20.50 -9.82 1.37
C GLN A 39 -19.00 -9.85 1.62
N CYS A 40 -18.27 -8.97 0.95
CA CYS A 40 -16.84 -8.87 1.17
C CYS A 40 -16.52 -8.48 2.61
N GLN A 41 -15.34 -8.90 3.07
CA GLN A 41 -14.94 -8.74 4.47
C GLN A 41 -13.80 -7.75 4.63
N ASN A 42 -13.00 -7.57 3.59
CA ASN A 42 -12.10 -6.43 3.52
C ASN A 42 -12.84 -5.24 2.93
N GLY A 43 -12.36 -4.04 3.22
CA GLY A 43 -12.99 -2.82 2.71
C GLY A 43 -14.36 -2.56 3.32
N ARG A 44 -14.51 -2.87 4.60
CA ARG A 44 -15.78 -2.71 5.30
C ARG A 44 -15.57 -1.75 6.45
N CYS A 45 -16.35 -0.67 6.45
CA CYS A 45 -16.18 0.38 7.43
C CYS A 45 -17.42 1.26 7.41
N THR A 46 -17.93 1.59 8.58
CA THR A 46 -19.09 2.46 8.67
C THR A 46 -18.63 3.88 8.45
N LEU A 47 -19.59 4.74 8.16
CA LEU A 47 -19.29 6.15 7.94
C LEU A 47 -18.84 6.87 9.21
N ASP A 48 -19.17 6.33 10.38
CA ASP A 48 -18.63 6.88 11.64
C ASP A 48 -17.32 6.22 12.05
N GLY A 49 -16.73 5.39 11.18
CA GLY A 49 -15.37 4.95 11.36
C GLY A 49 -15.20 3.63 12.08
N GLU A 50 -16.20 2.77 12.06
CA GLU A 50 -16.08 1.44 12.65
C GLU A 50 -15.64 0.43 11.59
N LEU A 51 -14.40 -0.02 11.64
CA LEU A 51 -13.91 -1.07 10.72
C LEU A 51 -14.67 -2.35 11.00
N GLN A 52 -15.02 -3.09 9.95
CA GLN A 52 -15.74 -4.36 10.10
C GLN A 52 -15.09 -5.49 9.31
N GLY A 53 -15.55 -6.70 9.57
CA GLY A 53 -15.08 -7.88 8.85
C GLY A 53 -13.61 -8.09 9.17
N THR A 54 -12.79 -8.29 8.15
CA THR A 54 -11.35 -8.46 8.35
C THR A 54 -10.60 -7.17 8.02
N THR A 55 -11.30 -6.03 8.06
CA THR A 55 -10.71 -4.78 7.56
C THR A 55 -9.71 -4.20 8.55
N GLN A 56 -8.54 -3.85 8.06
CA GLN A 56 -7.53 -3.09 8.83
C GLN A 56 -7.11 -1.86 8.02
N LEU A 57 -6.17 -1.04 8.51
CA LEU A 57 -5.96 0.31 7.94
C LEU A 57 -4.94 0.42 6.80
N LEU A 58 -4.01 -0.52 6.72
CA LEU A 58 -2.87 -0.40 5.81
C LEU A 58 -3.10 -1.05 4.46
N PRO A 59 -2.92 -0.28 3.36
CA PRO A 59 -2.96 -0.89 2.05
C PRO A 59 -2.05 -2.10 1.97
N SER A 60 -0.87 -2.03 2.58
CA SER A 60 0.07 -3.13 2.54
C SER A 60 -0.31 -4.30 3.45
N GLY A 61 -1.39 -4.19 4.23
CA GLY A 61 -1.94 -5.33 4.97
C GLY A 61 -2.98 -6.16 4.21
N ILE A 62 -3.51 -5.60 3.11
CA ILE A 62 -4.60 -6.25 2.40
C ILE A 62 -4.11 -7.50 1.65
N CYS A 63 -4.67 -8.66 2.03
CA CYS A 63 -4.27 -9.96 1.47
C CYS A 63 -2.82 -10.33 1.78
N ALA A 64 -2.29 -9.74 2.84
CA ALA A 64 -0.97 -10.10 3.33
C ALA A 64 -1.11 -11.07 4.49
N PHE A 65 -0.05 -11.84 4.72
CA PHE A 65 0.06 -12.68 5.91
C PHE A 65 1.39 -12.47 6.58
N ARG A 66 1.39 -12.65 7.90
CA ARG A 66 2.61 -12.62 8.68
C ARG A 66 2.55 -13.75 9.70
N GLY A 67 3.70 -14.39 9.92
CA GLY A 67 3.75 -15.46 10.89
C GLY A 67 5.06 -16.21 10.91
N ARG A 68 4.97 -17.50 11.23
CA ARG A 68 6.11 -18.40 11.22
C ARG A 68 5.71 -19.68 10.47
N VAL A 69 6.62 -20.20 9.66
CA VAL A 69 6.43 -21.50 9.05
C VAL A 69 6.92 -22.53 10.06
N THR A 70 6.08 -23.51 10.37
CA THR A 70 6.39 -24.44 11.45
C THR A 70 6.46 -25.91 11.04
N ALA A 71 5.97 -26.24 9.85
CA ALA A 71 5.93 -27.62 9.42
C ALA A 71 5.71 -27.67 7.92
N GLN A 72 5.92 -28.85 7.36
CA GLN A 72 5.51 -29.09 6.00
C GLN A 72 4.75 -30.42 5.91
N ILE A 73 3.81 -30.49 4.98
CA ILE A 73 3.02 -31.69 4.76
C ILE A 73 3.16 -32.13 3.33
N ASN A 74 2.84 -33.41 3.10
CA ASN A 74 2.90 -34.01 1.78
C ASN A 74 1.60 -33.77 0.99
N GLN A 75 1.33 -32.49 0.72
CA GLN A 75 0.17 -32.05 -0.02
C GLN A 75 0.64 -30.90 -0.87
N ARG A 76 -0.15 -30.54 -1.86
CA ARG A 76 0.21 -29.40 -2.69
C ARG A 76 0.39 -28.13 -1.84
N ASP A 77 -0.54 -27.90 -0.90
CA ASP A 77 -0.39 -26.79 0.06
C ASP A 77 0.53 -27.25 1.18
N ARG A 78 1.82 -27.18 0.91
CA ARG A 78 2.84 -27.94 1.62
C ARG A 78 3.30 -27.31 2.93
N TRP A 79 3.47 -25.99 2.92
CA TRP A 79 4.13 -25.32 4.03
C TRP A 79 3.18 -24.65 5.00
N HIS A 80 3.12 -25.18 6.22
CA HIS A 80 2.22 -24.72 7.26
C HIS A 80 2.69 -23.43 7.93
N MET A 81 1.94 -22.35 7.73
CA MET A 81 2.31 -21.03 8.24
C MET A 81 1.38 -20.68 9.38
N GLN A 82 1.94 -20.60 10.58
CA GLN A 82 1.20 -20.27 11.77
C GLN A 82 1.15 -18.76 11.82
N LEU A 83 -0.06 -18.20 11.88
CA LEU A 83 -0.21 -16.76 11.65
C LEU A 83 -0.10 -15.92 12.91
N GLN A 84 0.39 -14.70 12.72
CA GLN A 84 0.32 -13.63 13.70
C GLN A 84 -0.56 -12.54 13.12
N ASN A 85 -0.92 -11.56 13.94
CA ASN A 85 -1.53 -10.36 13.43
C ASN A 85 -0.50 -9.68 12.57
N LEU A 86 -0.93 -8.87 11.62
CA LEU A 86 0.03 -8.25 10.70
C LEU A 86 1.07 -7.37 11.37
N ASN A 87 0.77 -6.83 12.54
CA ASN A 87 1.76 -6.03 13.26
C ASN A 87 2.75 -6.87 14.08
N GLY A 88 2.65 -8.20 13.99
CA GLY A 88 3.59 -9.08 14.66
C GLY A 88 3.10 -9.56 16.01
N THR A 89 1.98 -9.03 16.50
CA THR A 89 1.42 -9.49 17.79
C THR A 89 0.72 -10.83 17.64
N THR A 90 0.50 -11.50 18.77
CA THR A 90 -0.04 -12.86 18.80
C THR A 90 -1.49 -12.86 18.33
N TYR A 91 -1.81 -13.75 17.41
CA TYR A 91 -3.17 -13.85 16.91
C TYR A 91 -4.02 -14.60 17.92
N ASP A 92 -5.21 -14.07 18.21
CA ASP A 92 -6.14 -14.72 19.12
C ASP A 92 -7.35 -15.25 18.36
N PRO A 93 -7.43 -16.58 18.17
CA PRO A 93 -8.53 -17.16 17.41
C PRO A 93 -9.93 -16.97 18.02
N THR A 94 -10.02 -16.59 19.29
CA THR A 94 -11.31 -16.37 19.94
C THR A 94 -11.79 -14.93 19.80
N ASP A 95 -11.01 -14.09 19.14
CA ASP A 95 -11.41 -12.73 18.86
C ASP A 95 -12.63 -12.68 17.94
N ASP A 96 -13.42 -11.61 18.05
CA ASP A 96 -14.69 -11.47 17.31
C ASP A 96 -14.46 -10.97 15.89
N VAL A 97 -13.65 -11.71 15.13
CA VAL A 97 -13.40 -11.40 13.73
C VAL A 97 -13.56 -12.68 12.92
N PRO A 98 -13.80 -12.56 11.60
CA PRO A 98 -13.89 -13.75 10.77
C PRO A 98 -12.57 -14.47 10.60
N ALA A 99 -11.48 -13.71 10.72
CA ALA A 99 -10.12 -14.17 10.44
C ALA A 99 -9.15 -13.06 10.83
N PRO A 100 -7.84 -13.36 10.84
CA PRO A 100 -6.93 -12.27 11.07
C PRO A 100 -7.18 -11.15 10.06
N LEU A 101 -7.03 -9.92 10.52
CA LEU A 101 -7.32 -8.76 9.69
C LEU A 101 -6.39 -8.77 8.47
N GLY A 102 -6.93 -8.42 7.31
CA GLY A 102 -6.17 -8.47 6.06
C GLY A 102 -6.27 -9.77 5.25
N THR A 103 -6.78 -10.86 5.88
CA THR A 103 -6.98 -12.12 5.18
C THR A 103 -7.78 -11.91 3.90
N PRO A 104 -7.44 -12.61 2.81
CA PRO A 104 -8.26 -12.52 1.58
C PRO A 104 -9.71 -12.93 1.81
N ASP A 105 -10.64 -12.23 1.15
CA ASP A 105 -12.06 -12.46 1.32
C ASP A 105 -12.74 -13.03 0.07
N PHE A 106 -12.00 -13.81 -0.71
CA PHE A 106 -12.54 -14.39 -1.92
C PHE A 106 -11.98 -15.78 -2.17
N LYS A 107 -12.68 -16.56 -2.98
CA LYS A 107 -12.21 -17.85 -3.42
C LYS A 107 -11.29 -17.65 -4.60
N GLY A 108 -10.11 -18.23 -4.54
CA GLY A 108 -9.17 -18.14 -5.65
C GLY A 108 -7.78 -18.48 -5.16
N VAL A 109 -6.79 -18.17 -5.98
CA VAL A 109 -5.38 -18.26 -5.60
C VAL A 109 -4.81 -16.86 -5.58
N VAL A 110 -4.15 -16.50 -4.50
CA VAL A 110 -3.40 -15.26 -4.44
C VAL A 110 -1.93 -15.63 -4.69
N PHE A 111 -1.30 -14.99 -5.66
CA PHE A 111 0.10 -15.21 -5.90
C PHE A 111 0.89 -13.99 -5.46
N GLY A 112 2.11 -14.25 -5.01
CA GLY A 112 2.99 -13.21 -4.59
C GLY A 112 4.33 -13.80 -4.23
N MET A 113 4.95 -13.24 -3.20
CA MET A 113 6.23 -13.74 -2.71
C MET A 113 6.20 -13.93 -1.21
N VAL A 114 6.94 -14.94 -0.77
CA VAL A 114 7.24 -15.12 0.64
C VAL A 114 8.66 -14.67 0.89
N SER A 115 8.86 -14.13 2.08
CA SER A 115 10.18 -13.74 2.50
C SER A 115 10.38 -14.20 3.93
N GLN A 116 11.59 -14.64 4.26
CA GLN A 116 11.94 -15.02 5.60
C GLN A 116 13.13 -14.20 6.11
N ARG A 117 13.18 -14.04 7.43
CA ARG A 117 14.34 -13.48 8.11
C ARG A 117 14.51 -14.23 9.40
N ASN A 118 15.59 -14.99 9.50
CA ASN A 118 15.77 -15.90 10.63
C ASN A 118 15.97 -15.16 11.95
N VAL A 119 15.47 -15.75 13.03
CA VAL A 119 15.79 -15.31 14.37
C VAL A 119 16.16 -16.52 15.24
N GLY A 120 16.75 -16.26 16.40
CA GLY A 120 17.18 -17.32 17.30
C GLY A 120 18.55 -17.90 16.94
N ASN A 121 18.67 -19.21 17.07
CA ASN A 121 19.96 -19.88 17.01
C ASN A 121 20.45 -20.24 15.61
N ASP A 122 19.51 -20.38 14.69
CA ASP A 122 19.82 -20.94 13.38
C ASP A 122 20.04 -19.79 12.38
N ALA A 123 21.29 -19.44 12.18
CA ALA A 123 21.68 -18.41 11.21
C ALA A 123 20.84 -17.13 11.33
N PRO A 124 20.81 -16.51 12.52
CA PRO A 124 19.95 -15.36 12.75
C PRO A 124 20.28 -14.23 11.80
N GLY A 125 19.26 -13.59 11.22
CA GLY A 125 19.48 -12.54 10.25
C GLY A 125 19.55 -13.04 8.83
N SER A 126 19.65 -14.35 8.61
CA SER A 126 19.68 -14.84 7.22
C SER A 126 18.30 -14.71 6.60
N THR A 127 18.28 -14.43 5.30
CA THR A 127 17.06 -14.14 4.59
C THR A 127 16.94 -14.95 3.32
N ARG A 128 15.73 -15.02 2.82
CA ARG A 128 15.42 -15.64 1.54
C ARG A 128 14.04 -15.21 1.12
N ALA A 129 13.82 -15.16 -0.19
CA ALA A 129 12.51 -14.84 -0.73
C ALA A 129 12.29 -15.58 -2.03
N GLN A 130 11.03 -15.90 -2.30
CA GLN A 130 10.67 -16.57 -3.55
C GLN A 130 9.19 -16.45 -3.81
N GLN A 131 8.79 -16.86 -5.01
CA GLN A 131 7.40 -16.88 -5.40
C GLN A 131 6.59 -17.87 -4.55
N ALA A 132 5.37 -17.48 -4.23
CA ALA A 132 4.48 -18.34 -3.48
C ALA A 132 3.04 -18.08 -3.89
N TRP A 133 2.18 -19.04 -3.54
CA TRP A 133 0.76 -18.97 -3.81
C TRP A 133 0.01 -19.39 -2.55
N VAL A 134 -1.13 -18.76 -2.34
CA VAL A 134 -2.07 -19.17 -1.32
C VAL A 134 -3.41 -19.43 -1.99
N SER A 135 -3.88 -20.68 -1.89
CA SER A 135 -5.20 -21.02 -2.39
C SER A 135 -6.19 -20.91 -1.26
N THR A 136 -7.23 -20.11 -1.47
CA THR A 136 -8.25 -19.95 -0.45
C THR A 136 -9.30 -21.05 -0.52
N TYR A 137 -9.20 -21.91 -1.54
CA TYR A 137 -9.96 -23.15 -1.63
C TYR A 137 -9.37 -24.25 -0.77
N SER A 138 -8.09 -24.12 -0.36
CA SER A 138 -7.35 -25.21 0.27
C SER A 138 -8.01 -25.70 1.55
N PRO A 139 -8.00 -27.01 1.81
CA PRO A 139 -8.49 -27.43 3.13
C PRO A 139 -7.57 -26.95 4.27
N GLN A 140 -6.34 -26.57 3.95
CA GLN A 140 -5.42 -26.00 4.92
C GLN A 140 -5.48 -24.47 4.98
N PHE A 141 -6.38 -23.84 4.24
CA PHE A 141 -6.62 -22.42 4.39
C PHE A 141 -7.59 -22.29 5.56
N VAL A 142 -7.04 -22.17 6.77
CA VAL A 142 -7.84 -22.08 7.99
C VAL A 142 -7.38 -20.88 8.82
N PRO A 143 -7.35 -19.69 8.21
CA PRO A 143 -6.80 -18.54 8.92
C PRO A 143 -7.50 -18.19 10.23
N LYS A 144 -8.81 -18.42 10.32
CA LYS A 144 -9.53 -18.18 11.56
C LYS A 144 -8.94 -19.06 12.68
N LEU A 145 -8.60 -20.30 12.34
CA LEU A 145 -7.99 -21.18 13.32
C LEU A 145 -6.55 -20.78 13.62
N GLY A 146 -5.93 -20.01 12.73
CA GLY A 146 -4.60 -19.47 12.96
C GLY A 146 -3.51 -19.93 12.00
N SER A 147 -3.86 -20.58 10.89
CA SER A 147 -2.85 -21.01 9.92
C SER A 147 -3.34 -21.08 8.47
N VAL A 148 -2.41 -20.89 7.54
CA VAL A 148 -2.65 -21.19 6.14
C VAL A 148 -1.46 -22.00 5.67
N ASN A 149 -1.64 -22.76 4.58
CA ASN A 149 -0.52 -23.45 4.00
C ASN A 149 -0.15 -22.79 2.69
N LEU A 150 1.13 -22.77 2.38
CA LEU A 150 1.67 -22.10 1.22
C LEU A 150 2.21 -23.10 0.22
N ARG A 151 2.04 -22.78 -1.06
CA ARG A 151 2.74 -23.44 -2.13
C ARG A 151 3.83 -22.49 -2.56
N ILE A 152 5.05 -23.00 -2.70
CA ILE A 152 6.20 -22.18 -3.06
C ILE A 152 6.93 -22.81 -4.22
N SER A 153 7.80 -22.04 -4.86
CA SER A 153 8.44 -22.50 -6.09
C SER A 153 9.67 -23.37 -5.84
N ASP A 154 10.34 -23.16 -4.71
CA ASP A 154 11.59 -23.87 -4.39
C ASP A 154 11.55 -24.45 -2.98
N ASN A 155 11.13 -25.71 -2.89
CA ASN A 155 11.00 -26.42 -1.64
C ASN A 155 12.31 -26.69 -0.90
N ASP A 156 13.44 -26.46 -1.55
CA ASP A 156 14.74 -26.68 -0.91
C ASP A 156 15.33 -25.46 -0.23
N ASP A 157 14.70 -24.30 -0.35
CA ASP A 157 15.23 -23.09 0.27
C ASP A 157 14.14 -22.40 1.08
N PHE A 158 13.67 -23.08 2.11
CA PHE A 158 12.59 -22.53 2.93
C PHE A 158 12.69 -23.15 4.32
N GLN A 159 12.68 -22.32 5.37
CA GLN A 159 12.97 -22.79 6.72
C GLN A 159 11.80 -22.52 7.69
N PHE A 160 11.88 -23.10 8.87
CA PHE A 160 10.88 -22.88 9.91
C PHE A 160 11.20 -21.60 10.68
N GLN A 161 10.90 -20.47 10.06
CA GLN A 161 11.39 -19.18 10.52
C GLN A 161 10.31 -18.12 10.28
N PRO A 162 10.49 -16.91 10.83
CA PRO A 162 9.51 -15.85 10.57
C PRO A 162 9.34 -15.58 9.09
N THR A 163 8.09 -15.42 8.67
CA THR A 163 7.71 -15.40 7.27
C THR A 163 6.64 -14.34 6.99
N LYS A 164 6.79 -13.63 5.88
CA LYS A 164 5.80 -12.70 5.40
C LYS A 164 5.40 -13.07 3.98
N PHE A 165 4.09 -13.02 3.73
CA PHE A 165 3.58 -13.17 2.40
C PHE A 165 3.19 -11.80 1.87
N THR A 166 3.73 -11.44 0.72
CA THR A 166 3.39 -10.20 0.04
C THR A 166 2.56 -10.53 -1.22
N PRO A 167 1.30 -10.05 -1.28
CA PRO A 167 0.49 -10.39 -2.46
C PRO A 167 0.87 -9.57 -3.69
N VAL A 168 0.78 -10.18 -4.86
CA VAL A 168 1.01 -9.43 -6.10
C VAL A 168 -0.24 -9.43 -6.97
N GLY A 169 -0.95 -10.55 -7.02
CA GLY A 169 -2.11 -10.68 -7.87
C GLY A 169 -2.93 -11.90 -7.55
N VAL A 170 -3.90 -12.20 -8.42
CA VAL A 170 -4.80 -13.31 -8.20
C VAL A 170 -4.97 -14.12 -9.48
N ASN A 171 -5.49 -15.33 -9.32
CA ASN A 171 -5.88 -16.13 -10.47
C ASN A 171 -6.84 -17.23 -10.10
N ASP A 172 -7.43 -17.82 -11.14
CA ASP A 172 -8.08 -19.11 -11.03
C ASP A 172 -7.02 -20.12 -10.62
N ASP A 173 -7.40 -21.17 -9.91
CA ASP A 173 -6.47 -22.29 -9.70
C ASP A 173 -6.35 -23.03 -11.02
N ASP A 174 -5.33 -23.87 -11.16
CA ASP A 174 -5.06 -24.54 -12.43
C ASP A 174 -5.72 -25.93 -12.55
N ASP A 175 -6.60 -26.24 -11.61
CA ASP A 175 -7.37 -27.49 -11.60
C ASP A 175 -8.86 -27.20 -11.68
N GLY A 176 -9.21 -26.01 -12.19
CA GLY A 176 -10.61 -25.64 -12.38
C GLY A 176 -11.34 -25.02 -11.19
N HIS A 177 -10.63 -24.63 -10.14
CA HIS A 177 -11.26 -23.90 -9.04
C HIS A 177 -11.17 -22.42 -9.39
N PRO A 178 -12.28 -21.77 -9.78
CA PRO A 178 -12.16 -20.43 -10.34
C PRO A 178 -12.04 -19.29 -9.34
N PHE A 179 -11.45 -18.18 -9.79
CA PHE A 179 -11.43 -16.95 -9.02
C PHE A 179 -12.85 -16.39 -8.94
N ARG A 180 -13.41 -16.36 -7.74
CA ARG A 180 -14.75 -15.85 -7.51
C ARG A 180 -14.72 -14.76 -6.44
N GLN A 181 -14.69 -13.50 -6.88
CA GLN A 181 -14.47 -12.38 -5.97
C GLN A 181 -15.55 -12.22 -4.90
N TRP A 182 -16.76 -12.73 -5.18
CA TRP A 182 -17.89 -12.58 -4.25
C TRP A 182 -18.21 -13.84 -3.45
N GLU A 183 -17.42 -14.90 -3.62
CA GLU A 183 -17.58 -16.09 -2.80
C GLU A 183 -16.55 -16.08 -1.68
N LEU A 184 -17.03 -16.02 -0.46
CA LEU A 184 -16.15 -16.02 0.70
C LEU A 184 -15.51 -17.40 0.84
N PRO A 185 -14.24 -17.44 1.27
CA PRO A 185 -13.68 -18.73 1.62
C PRO A 185 -14.21 -19.20 2.96
N ASN A 186 -13.95 -20.46 3.27
CA ASN A 186 -14.21 -20.98 4.60
C ASN A 186 -13.01 -20.62 5.47
N TYR A 187 -13.17 -19.64 6.34
CA TYR A 187 -12.05 -19.16 7.13
C TYR A 187 -11.58 -20.21 8.14
N SER A 188 -12.46 -21.16 8.49
CA SER A 188 -12.08 -22.27 9.38
C SER A 188 -12.05 -23.66 8.72
N GLY A 189 -11.98 -23.70 7.41
CA GLY A 189 -11.93 -24.97 6.70
C GLY A 189 -13.24 -25.68 6.40
N GLU A 190 -13.10 -26.88 5.84
CA GLU A 190 -14.22 -27.68 5.35
C GLU A 190 -15.12 -28.07 6.50
N LEU A 191 -16.42 -28.07 6.26
CA LEU A 191 -17.44 -28.44 7.26
C LEU A 191 -17.65 -27.44 8.39
N THR A 192 -17.07 -26.24 8.25
CA THR A 192 -17.19 -25.22 9.29
C THR A 192 -17.79 -23.99 8.63
N LEU A 193 -18.54 -23.23 9.42
CA LEU A 193 -19.22 -22.05 8.95
C LEU A 193 -18.54 -20.79 9.44
N ASN A 194 -18.57 -19.75 8.61
CA ASN A 194 -17.95 -18.47 8.96
C ASN A 194 -18.71 -17.73 10.06
N MET A 195 -17.98 -16.95 10.84
CA MET A 195 -18.58 -16.18 11.91
C MET A 195 -18.07 -14.76 11.95
N ASN A 196 -18.81 -13.93 12.68
CA ASN A 196 -18.47 -12.51 12.89
C ASN A 196 -18.32 -11.77 11.56
N LEU A 197 -19.07 -12.18 10.54
CA LEU A 197 -18.97 -11.57 9.22
C LEU A 197 -19.57 -10.16 9.18
N ALA A 198 -18.99 -9.28 8.38
CA ALA A 198 -19.67 -8.04 8.02
C ALA A 198 -20.88 -8.47 7.19
N PRO A 199 -22.03 -7.83 7.40
CA PRO A 199 -23.25 -8.30 6.75
C PRO A 199 -23.24 -8.17 5.22
N PRO A 200 -24.10 -8.95 4.54
CA PRO A 200 -24.28 -8.76 3.09
C PRO A 200 -24.82 -7.37 2.79
N VAL A 201 -24.51 -6.85 1.62
CA VAL A 201 -25.04 -5.55 1.19
C VAL A 201 -25.81 -5.69 -0.10
N ALA A 202 -26.90 -4.95 -0.22
CA ALA A 202 -27.72 -4.93 -1.45
C ALA A 202 -28.52 -3.65 -1.53
N PRO A 203 -28.85 -3.20 -2.76
CA PRO A 203 -29.75 -2.07 -2.79
C PRO A 203 -31.13 -2.52 -2.37
N ASN A 204 -31.90 -1.67 -1.71
CA ASN A 204 -33.29 -1.97 -1.41
C ASN A 204 -34.25 -1.20 -2.29
N PHE A 205 -33.87 0.00 -2.65
CA PHE A 205 -34.75 0.91 -3.37
C PHE A 205 -34.88 0.41 -4.80
N PRO A 206 -36.08 0.50 -5.39
CA PRO A 206 -36.21 0.01 -6.77
C PRO A 206 -35.48 0.93 -7.74
N GLY A 207 -34.92 0.34 -8.78
CA GLY A 207 -34.13 1.10 -9.74
C GLY A 207 -32.72 1.38 -9.27
N GLU A 208 -32.34 0.90 -8.08
CA GLU A 208 -30.99 1.17 -7.58
C GLU A 208 -30.05 -0.02 -7.74
N GLN A 209 -28.77 0.30 -7.93
CA GLN A 209 -27.72 -0.70 -8.05
C GLN A 209 -26.50 -0.28 -7.24
N LEU A 210 -25.71 -1.27 -6.83
CA LEU A 210 -24.45 -1.01 -6.18
C LEU A 210 -23.49 -0.33 -7.15
N LEU A 211 -22.72 0.63 -6.63
CA LEU A 211 -21.59 1.23 -7.35
C LEU A 211 -20.30 0.73 -6.73
N PHE A 212 -19.37 0.29 -7.55
CA PHE A 212 -18.10 -0.25 -7.09
C PHE A 212 -16.92 0.57 -7.56
N PHE A 213 -15.88 0.61 -6.73
CA PHE A 213 -14.59 1.08 -7.16
C PHE A 213 -13.80 -0.14 -7.66
N ARG A 214 -13.50 -0.14 -8.95
CA ARG A 214 -13.02 -1.33 -9.62
C ARG A 214 -11.53 -1.26 -9.92
N SER A 215 -10.82 -2.36 -9.67
CA SER A 215 -9.43 -2.51 -10.08
C SER A 215 -9.26 -3.75 -10.94
N PHE A 216 -8.37 -3.64 -11.92
CA PHE A 216 -7.96 -4.80 -12.70
C PHE A 216 -6.58 -5.21 -12.20
N VAL A 217 -6.54 -6.25 -11.37
CA VAL A 217 -5.34 -6.64 -10.70
C VAL A 217 -4.50 -7.60 -11.58
N PRO A 218 -3.24 -7.77 -11.25
CA PRO A 218 -2.39 -8.68 -12.02
C PRO A 218 -2.86 -10.13 -11.97
N CYS A 219 -2.76 -10.83 -13.08
CA CYS A 219 -2.92 -12.28 -13.09
C CYS A 219 -1.64 -12.93 -13.58
N SER A 220 -1.50 -14.22 -13.26
CA SER A 220 -0.28 -14.96 -13.51
C SER A 220 -0.40 -16.03 -14.61
N GLY A 221 -1.17 -15.78 -15.65
CA GLY A 221 -1.37 -16.79 -16.71
C GLY A 221 -2.83 -16.80 -17.11
N GLY A 222 -3.11 -17.18 -18.34
CA GLY A 222 -4.47 -17.17 -18.85
C GLY A 222 -5.03 -15.76 -19.02
N TYR A 223 -6.35 -15.67 -19.04
CA TYR A 223 -7.06 -14.51 -19.56
C TYR A 223 -7.94 -13.83 -18.52
N ASN A 224 -7.91 -14.29 -17.27
CA ASN A 224 -8.76 -13.68 -16.27
C ASN A 224 -8.53 -12.15 -16.26
N GLN A 225 -9.61 -11.39 -16.20
CA GLN A 225 -9.51 -9.93 -16.22
C GLN A 225 -8.98 -9.35 -14.90
N GLY A 226 -8.96 -10.16 -13.84
CA GLY A 226 -8.48 -9.71 -12.55
C GLY A 226 -9.35 -8.66 -11.86
N ILE A 227 -10.65 -8.73 -12.08
CA ILE A 227 -11.55 -7.75 -11.52
C ILE A 227 -11.70 -7.94 -10.00
N ILE A 228 -11.35 -6.91 -9.24
CA ILE A 228 -11.68 -6.84 -7.82
C ILE A 228 -12.43 -5.53 -7.56
N ASP A 229 -13.67 -5.66 -7.11
CA ASP A 229 -14.52 -4.54 -6.86
C ASP A 229 -14.58 -4.31 -5.38
N CYS A 230 -14.38 -3.07 -4.95
CA CYS A 230 -14.61 -2.72 -3.55
C CYS A 230 -15.74 -1.72 -3.40
N LEU A 231 -16.33 -1.72 -2.20
CA LEU A 231 -17.47 -0.88 -1.86
C LEU A 231 -17.06 0.56 -1.67
N ILE A 232 -16.00 0.75 -0.89
CA ILE A 232 -15.38 2.05 -0.68
C ILE A 232 -13.89 1.86 -0.68
N PRO A 233 -13.14 2.88 -1.14
CA PRO A 233 -11.68 2.76 -1.24
C PRO A 233 -11.00 2.87 0.11
N GLN A 234 -9.77 2.36 0.18
CA GLN A 234 -9.07 2.29 1.42
C GLN A 234 -8.93 3.68 2.04
N GLU A 235 -8.66 4.70 1.24
CA GLU A 235 -8.48 6.04 1.77
C GLU A 235 -9.73 6.60 2.48
N TRP A 236 -10.90 6.17 2.04
CA TRP A 236 -12.14 6.61 2.69
C TRP A 236 -12.23 5.95 4.04
N ILE A 237 -11.88 4.66 4.10
CA ILE A 237 -11.90 3.90 5.35
C ILE A 237 -10.96 4.54 6.35
N GLN A 238 -9.76 4.87 5.87
CA GLN A 238 -8.77 5.57 6.69
C GLN A 238 -9.32 6.92 7.17
N HIS A 239 -9.99 7.64 6.29
CA HIS A 239 -10.54 8.95 6.64
C HIS A 239 -11.65 8.80 7.67
N PHE A 240 -12.56 7.86 7.48
CA PHE A 240 -13.66 7.70 8.41
C PHE A 240 -13.15 7.28 9.77
N TYR A 241 -12.10 6.45 9.78
CA TYR A 241 -11.51 5.99 11.03
C TYR A 241 -10.97 7.16 11.83
N GLN A 242 -10.32 8.12 11.16
CA GLN A 242 -9.79 9.32 11.81
C GLN A 242 -10.87 10.22 12.33
N GLU A 243 -11.87 10.46 11.48
CA GLU A 243 -12.87 11.49 11.72
C GLU A 243 -13.86 11.06 12.80
N SER A 244 -14.37 9.84 12.65
CA SER A 244 -15.44 9.31 13.48
C SER A 244 -16.59 10.30 13.60
N ALA A 245 -16.99 10.90 12.48
CA ALA A 245 -18.12 11.84 12.50
C ALA A 245 -19.40 11.05 12.73
N PRO A 246 -20.20 11.45 13.73
CA PRO A 246 -21.44 10.71 13.91
C PRO A 246 -22.33 10.79 12.66
N SER A 247 -22.94 9.68 12.27
CA SER A 247 -23.84 9.65 11.12
C SER A 247 -25.22 10.15 11.52
N GLN A 248 -25.73 11.17 10.84
CA GLN A 248 -27.05 11.75 11.17
C GLN A 248 -28.25 11.03 10.58
N SER A 249 -28.02 10.19 9.58
CA SER A 249 -29.10 9.42 8.98
C SER A 249 -28.51 8.17 8.37
N ASP A 250 -29.36 7.36 7.75
CA ASP A 250 -28.93 6.12 7.16
C ASP A 250 -28.19 6.29 5.84
N VAL A 251 -28.23 7.50 5.28
CA VAL A 251 -27.69 7.74 3.94
C VAL A 251 -27.10 9.14 3.83
N ALA A 252 -25.87 9.19 3.35
CA ALA A 252 -25.23 10.43 2.98
C ALA A 252 -25.33 10.59 1.47
N LEU A 253 -26.00 11.65 1.05
CA LEU A 253 -26.08 11.95 -0.37
C LEU A 253 -24.73 12.48 -0.80
N ILE A 254 -24.17 11.91 -1.85
CA ILE A 254 -22.87 12.38 -2.35
C ILE A 254 -22.95 12.71 -3.83
N ARG A 255 -22.15 13.67 -4.28
CA ARG A 255 -22.12 14.12 -5.66
C ARG A 255 -20.75 13.90 -6.26
N TYR A 256 -20.70 13.30 -7.44
CA TYR A 256 -19.46 13.21 -8.17
C TYR A 256 -19.27 14.50 -8.95
N VAL A 257 -18.24 15.26 -8.63
CA VAL A 257 -18.09 16.59 -9.21
C VAL A 257 -16.86 16.68 -10.11
N ASN A 258 -16.94 17.60 -11.05
CA ASN A 258 -15.77 17.97 -11.81
C ASN A 258 -15.25 19.26 -11.19
N PRO A 259 -14.07 19.20 -10.56
CA PRO A 259 -13.61 20.34 -9.78
C PRO A 259 -13.14 21.54 -10.61
N ASP A 260 -12.78 21.34 -11.87
CA ASP A 260 -12.37 22.44 -12.75
C ASP A 260 -13.57 23.25 -13.16
N THR A 261 -14.55 22.57 -13.75
CA THR A 261 -15.76 23.21 -14.26
C THR A 261 -16.75 23.49 -13.13
N GLY A 262 -16.59 22.81 -11.99
CA GLY A 262 -17.49 22.99 -10.86
C GLY A 262 -18.83 22.26 -10.97
N ARG A 263 -19.05 21.54 -12.06
CA ARG A 263 -20.36 20.91 -12.27
C ARG A 263 -20.48 19.55 -11.57
N THR A 264 -21.69 19.23 -11.12
CA THR A 264 -21.99 17.89 -10.62
C THR A 264 -22.37 16.97 -11.78
N LEU A 265 -21.73 15.81 -11.84
CA LEU A 265 -21.92 14.87 -12.94
C LEU A 265 -22.97 13.82 -12.67
N PHE A 266 -23.04 13.36 -11.42
CA PHE A 266 -24.12 12.50 -10.98
C PHE A 266 -24.15 12.45 -9.47
N GLU A 267 -25.18 11.83 -8.92
CA GLU A 267 -25.27 11.71 -7.47
C GLU A 267 -25.49 10.27 -7.08
N ALA A 268 -25.23 9.99 -5.80
CA ALA A 268 -25.30 8.63 -5.31
C ALA A 268 -25.64 8.61 -3.83
N LYS A 269 -26.08 7.45 -3.36
CA LYS A 269 -26.38 7.25 -1.95
C LYS A 269 -25.21 6.50 -1.30
N LEU A 270 -24.55 7.15 -0.34
CA LEU A 270 -23.53 6.51 0.47
C LEU A 270 -24.17 6.09 1.80
N HIS A 271 -24.40 4.80 1.93
CA HIS A 271 -25.10 4.27 3.08
C HIS A 271 -24.23 4.19 4.33
N ARG A 272 -24.89 4.30 5.48
CA ARG A 272 -24.23 4.39 6.79
C ARG A 272 -23.26 3.23 7.00
N SER A 273 -23.63 2.04 6.55
CA SER A 273 -22.78 0.87 6.75
C SER A 273 -21.60 0.79 5.75
N GLY A 274 -21.49 1.76 4.83
CA GLY A 274 -20.29 1.94 4.04
C GLY A 274 -20.33 1.31 2.66
N TYR A 275 -21.38 1.61 1.90
CA TYR A 275 -21.47 1.21 0.50
C TYR A 275 -22.32 2.23 -0.27
N ILE A 276 -22.20 2.18 -1.58
CA ILE A 276 -22.80 3.20 -2.45
C ILE A 276 -23.80 2.59 -3.39
N THR A 277 -24.96 3.24 -3.54
CA THR A 277 -25.92 2.88 -4.58
C THR A 277 -26.18 4.04 -5.54
N VAL A 278 -26.53 3.67 -6.78
CA VAL A 278 -26.93 4.64 -7.79
C VAL A 278 -28.18 4.18 -8.53
N ALA A 279 -28.90 5.15 -9.12
CA ALA A 279 -30.11 4.88 -9.92
C ALA A 279 -29.71 4.60 -11.34
N HIS A 280 -29.67 3.32 -11.66
CA HIS A 280 -29.27 2.89 -12.96
C HIS A 280 -29.72 1.45 -13.13
N SER A 281 -29.87 1.06 -14.38
CA SER A 281 -30.29 -0.28 -14.73
C SER A 281 -29.30 -0.89 -15.73
N GLY A 282 -28.70 -2.01 -15.37
CA GLY A 282 -27.72 -2.70 -16.22
C GLY A 282 -26.28 -2.50 -15.76
N ASP A 283 -25.42 -3.44 -16.15
CA ASP A 283 -23.97 -3.29 -16.01
C ASP A 283 -23.51 -2.07 -16.80
N TYR A 284 -22.69 -1.22 -16.18
CA TYR A 284 -22.20 -0.01 -16.84
C TYR A 284 -20.88 0.43 -16.23
N PRO A 285 -19.80 0.43 -17.04
CA PRO A 285 -18.56 1.08 -16.65
C PRO A 285 -18.74 2.57 -16.82
N LEU A 286 -18.60 3.35 -15.75
CA LEU A 286 -18.93 4.77 -15.83
C LEU A 286 -17.96 5.56 -16.70
N VAL A 287 -18.50 6.54 -17.41
CA VAL A 287 -17.74 7.42 -18.29
C VAL A 287 -17.65 8.72 -17.54
N VAL A 288 -16.47 9.01 -17.01
CA VAL A 288 -16.29 10.19 -16.19
C VAL A 288 -14.93 10.80 -16.40
N PRO A 289 -14.82 12.12 -16.24
CA PRO A 289 -13.53 12.77 -16.40
C PRO A 289 -12.53 12.35 -15.32
N ALA A 290 -11.26 12.36 -15.69
CA ALA A 290 -10.20 11.85 -14.80
C ALA A 290 -10.06 12.67 -13.53
N ASN A 291 -10.37 13.96 -13.56
CA ASN A 291 -10.18 14.80 -12.38
C ASN A 291 -11.34 14.73 -11.37
N GLY A 292 -12.29 13.84 -11.61
CA GLY A 292 -13.52 13.83 -10.84
C GLY A 292 -13.40 13.12 -9.50
N HIS A 293 -14.24 13.54 -8.56
CA HIS A 293 -14.28 12.91 -7.25
C HIS A 293 -15.60 13.17 -6.55
N PHE A 294 -15.92 12.31 -5.59
CA PHE A 294 -17.11 12.48 -4.79
C PHE A 294 -16.96 13.57 -3.74
N ARG A 295 -18.05 14.27 -3.45
CA ARG A 295 -18.13 15.17 -2.29
C ARG A 295 -19.40 14.88 -1.52
N PHE A 296 -19.35 15.06 -0.21
CA PHE A 296 -20.54 14.92 0.64
C PHE A 296 -21.49 16.10 0.41
N ASP A 297 -22.74 15.81 0.13
CA ASP A 297 -23.78 16.84 -0.07
C ASP A 297 -24.58 17.03 1.22
N SER A 298 -25.31 16.00 1.63
CA SER A 298 -26.19 16.12 2.77
C SER A 298 -26.67 14.77 3.25
N TRP A 299 -27.19 14.77 4.48
CA TRP A 299 -27.84 13.58 5.04
C TRP A 299 -29.28 13.51 4.56
N VAL A 300 -29.64 12.35 4.03
CA VAL A 300 -30.98 12.09 3.52
C VAL A 300 -31.40 10.73 4.10
N ASN A 301 -32.40 10.06 3.52
CA ASN A 301 -32.78 8.74 4.03
C ASN A 301 -32.93 7.70 2.95
N GLN A 302 -33.23 6.48 3.38
CA GLN A 302 -33.39 5.33 2.49
C GLN A 302 -34.24 5.58 1.28
N PHE A 303 -35.28 6.37 1.43
CA PHE A 303 -36.24 6.52 0.36
C PHE A 303 -35.98 7.75 -0.52
N TYR A 304 -34.86 8.42 -0.31
CA TYR A 304 -34.46 9.52 -1.19
C TYR A 304 -34.45 9.00 -2.62
N SER A 305 -35.02 9.79 -3.53
CA SER A 305 -35.10 9.39 -4.92
C SER A 305 -33.94 10.00 -5.69
N LEU A 306 -32.98 9.17 -6.09
CA LEU A 306 -31.80 9.66 -6.80
C LEU A 306 -32.14 10.08 -8.22
N ALA A 307 -31.53 11.18 -8.68
CA ALA A 307 -31.56 11.50 -10.09
C ALA A 307 -30.93 10.34 -10.85
N PRO A 308 -31.52 9.92 -11.98
CA PRO A 308 -30.90 8.83 -12.71
C PRO A 308 -29.47 9.20 -13.12
N MET A 309 -28.61 8.19 -13.15
CA MET A 309 -27.22 8.34 -13.52
C MET A 309 -27.04 7.69 -14.88
N PRO B 5 -6.73 24.83 11.22
CA PRO B 5 -5.60 24.45 12.08
C PRO B 5 -4.78 23.29 11.50
N PHE B 6 -3.47 23.32 11.75
CA PHE B 6 -2.59 22.21 11.36
C PHE B 6 -2.86 21.04 12.31
N SER B 7 -2.66 19.82 11.79
CA SER B 7 -2.80 18.62 12.60
C SER B 7 -2.07 17.42 11.98
N LEU B 8 -1.96 16.38 12.80
CA LEU B 8 -1.41 15.11 12.35
C LEU B 8 -2.51 14.08 12.45
N PRO B 9 -2.42 13.04 11.61
CA PRO B 9 -3.37 11.95 11.79
C PRO B 9 -3.01 11.24 13.09
N ILE B 10 -3.98 10.60 13.73
CA ILE B 10 -3.76 9.91 14.99
C ILE B 10 -3.58 8.43 14.68
N LEU B 11 -2.33 7.98 14.65
CA LEU B 11 -1.98 6.65 14.19
C LEU B 11 -0.76 6.15 14.94
N THR B 12 -0.84 4.94 15.47
CA THR B 12 0.30 4.28 16.12
C THR B 12 1.28 3.81 15.07
N LEU B 13 2.48 3.44 15.50
CA LEU B 13 3.51 3.03 14.55
C LEU B 13 3.05 1.89 13.65
N SER B 14 2.34 0.90 14.21
CA SER B 14 1.87 -0.23 13.42
C SER B 14 0.67 0.12 12.53
N GLU B 15 0.16 1.35 12.67
CA GLU B 15 -0.88 1.87 11.81
C GLU B 15 -0.28 2.82 10.76
N LEU B 16 1.04 2.77 10.59
CA LEU B 16 1.71 3.67 9.67
C LEU B 16 2.50 2.89 8.64
N THR B 17 2.66 3.51 7.46
CA THR B 17 3.32 2.94 6.30
C THR B 17 4.54 3.77 6.00
N ASN B 18 5.65 3.09 5.75
CA ASN B 18 6.89 3.72 5.36
C ASN B 18 6.67 4.41 4.03
N SER B 19 7.11 5.66 3.92
CA SER B 19 6.93 6.42 2.70
C SER B 19 8.04 6.16 1.67
N ARG B 20 9.01 5.35 2.04
CA ARG B 20 10.10 5.01 1.11
C ARG B 20 10.08 3.55 0.67
N PHE B 21 9.25 2.74 1.28
CA PHE B 21 9.01 1.36 0.84
C PHE B 21 7.65 0.88 1.36
N PRO B 22 6.91 0.10 0.54
CA PRO B 22 5.49 -0.16 0.91
C PRO B 22 5.32 -1.24 1.97
N VAL B 23 5.78 -0.94 3.19
CA VAL B 23 5.66 -1.79 4.33
C VAL B 23 5.29 -0.95 5.54
N PRO B 24 4.83 -1.59 6.62
CA PRO B 24 4.54 -0.86 7.84
C PRO B 24 5.81 -0.33 8.52
N ILE B 25 5.64 0.72 9.30
CA ILE B 25 6.69 1.21 10.21
C ILE B 25 6.87 0.22 11.37
N ASP B 26 8.13 -0.10 11.65
CA ASP B 26 8.49 -0.97 12.77
C ASP B 26 8.89 -0.21 14.03
N SER B 27 9.60 0.90 13.89
CA SER B 27 10.12 1.60 15.05
C SER B 27 10.58 3.01 14.68
N LEU B 28 10.92 3.76 15.72
CA LEU B 28 11.54 5.08 15.58
C LEU B 28 13.03 4.99 15.85
N PHE B 29 13.82 5.78 15.13
CA PHE B 29 15.26 5.76 15.24
C PHE B 29 15.80 7.17 15.04
N THR B 30 16.72 7.58 15.92
CA THR B 30 17.46 8.84 15.73
C THR B 30 18.91 8.52 15.45
N ALA B 31 19.47 9.23 14.48
CA ALA B 31 20.80 8.93 13.96
C ALA B 31 21.80 10.02 14.29
N GLN B 32 22.99 9.57 14.65
CA GLN B 32 24.14 10.45 14.81
C GLN B 32 24.30 11.27 13.54
N ASN B 33 24.56 12.57 13.69
CA ASN B 33 24.80 13.43 12.54
C ASN B 33 26.10 13.04 11.86
N ASN B 34 26.04 12.83 10.55
CA ASN B 34 27.19 12.38 9.78
C ASN B 34 27.47 13.26 8.59
N VAL B 35 28.62 13.01 7.97
CA VAL B 35 29.03 13.74 6.78
C VAL B 35 28.08 13.35 5.65
N LEU B 36 27.55 12.13 5.71
CA LEU B 36 26.60 11.63 4.70
C LEU B 36 25.29 12.41 4.68
N GLN B 37 24.87 12.79 3.48
CA GLN B 37 23.73 13.67 3.23
C GLN B 37 22.42 12.89 3.15
N VAL B 38 21.41 13.33 3.89
CA VAL B 38 20.08 12.73 3.80
C VAL B 38 19.32 13.53 2.75
N GLN B 39 19.01 12.87 1.63
CA GLN B 39 18.31 13.53 0.54
C GLN B 39 17.39 12.58 -0.21
N CYS B 40 16.60 11.80 0.55
CA CYS B 40 15.61 10.90 -0.07
C CYS B 40 14.59 11.69 -0.89
N GLN B 41 14.05 11.04 -1.91
CA GLN B 41 13.16 11.66 -2.87
C GLN B 41 11.73 11.15 -2.76
N ASN B 42 11.55 9.93 -2.27
CA ASN B 42 10.24 9.48 -1.80
C ASN B 42 10.02 9.90 -0.37
N GLY B 43 8.76 10.02 0.04
CA GLY B 43 8.44 10.46 1.39
C GLY B 43 8.80 11.91 1.65
N ARG B 44 8.59 12.77 0.65
CA ARG B 44 8.92 14.19 0.77
C ARG B 44 7.69 15.02 0.54
N CYS B 45 7.35 15.83 1.53
CA CYS B 45 6.12 16.59 1.50
C CYS B 45 6.19 17.68 2.55
N THR B 46 5.77 18.89 2.17
CA THR B 46 5.77 20.00 3.11
C THR B 46 4.57 19.86 4.01
N LEU B 47 4.56 20.61 5.09
CA LEU B 47 3.46 20.58 6.04
C LEU B 47 2.20 21.23 5.49
N ASP B 48 2.34 22.08 4.45
CA ASP B 48 1.19 22.62 3.72
C ASP B 48 0.73 21.74 2.61
N GLY B 49 1.35 20.58 2.44
CA GLY B 49 0.82 19.58 1.53
C GLY B 49 1.42 19.58 0.14
N GLU B 50 2.62 20.11 -0.03
CA GLU B 50 3.27 20.08 -1.32
C GLU B 50 4.18 18.86 -1.44
N LEU B 51 3.78 17.88 -2.24
CA LEU B 51 4.60 16.69 -2.47
C LEU B 51 5.85 17.10 -3.21
N GLN B 52 6.99 16.52 -2.84
CA GLN B 52 8.26 16.84 -3.50
C GLN B 52 9.01 15.61 -3.95
N GLY B 53 10.04 15.84 -4.74
CA GLY B 53 10.90 14.75 -5.18
C GLY B 53 10.11 13.84 -6.10
N THR B 54 10.18 12.55 -5.84
CA THR B 54 9.41 11.58 -6.61
C THR B 54 8.20 11.11 -5.82
N THR B 55 7.76 11.89 -4.84
CA THR B 55 6.70 11.45 -3.95
C THR B 55 5.32 11.49 -4.63
N GLN B 56 4.58 10.39 -4.50
CA GLN B 56 3.15 10.35 -4.89
C GLN B 56 2.33 9.81 -3.71
N LEU B 57 1.02 9.65 -3.84
CA LEU B 57 0.14 9.45 -2.68
C LEU B 57 -0.08 7.99 -2.23
N LEU B 58 0.10 7.04 -3.14
CA LEU B 58 -0.28 5.65 -2.87
C LEU B 58 0.86 4.83 -2.29
N PRO B 59 0.63 4.20 -1.13
CA PRO B 59 1.57 3.20 -0.67
C PRO B 59 1.96 2.21 -1.76
N SER B 60 0.98 1.77 -2.56
CA SER B 60 1.27 0.78 -3.60
C SER B 60 1.99 1.37 -4.83
N GLY B 61 2.22 2.69 -4.86
CA GLY B 61 3.08 3.30 -5.90
C GLY B 61 4.57 3.37 -5.53
N ILE B 62 4.89 3.18 -4.25
CA ILE B 62 6.25 3.37 -3.77
C ILE B 62 7.16 2.25 -4.27
N CYS B 63 8.18 2.63 -5.06
CA CYS B 63 9.10 1.68 -5.70
C CYS B 63 8.42 0.75 -6.69
N ALA B 64 7.28 1.20 -7.22
CA ALA B 64 6.60 0.48 -8.30
C ALA B 64 6.93 1.09 -9.65
N PHE B 65 6.81 0.30 -10.70
CA PHE B 65 6.90 0.81 -12.06
C PHE B 65 5.74 0.32 -12.88
N ARG B 66 5.38 1.13 -13.86
CA ARG B 66 4.37 0.76 -14.83
C ARG B 66 4.81 1.22 -16.20
N GLY B 67 4.56 0.39 -17.22
CA GLY B 67 4.96 0.74 -18.56
C GLY B 67 4.76 -0.38 -19.56
N ARG B 68 5.63 -0.40 -20.56
CA ARG B 68 5.63 -1.43 -21.60
C ARG B 68 7.05 -1.93 -21.79
N VAL B 69 7.22 -3.24 -21.93
CA VAL B 69 8.50 -3.80 -22.31
C VAL B 69 8.59 -3.72 -23.83
N THR B 70 9.67 -3.16 -24.34
CA THR B 70 9.75 -2.88 -25.78
C THR B 70 10.94 -3.52 -26.49
N ALA B 71 11.91 -4.02 -25.73
CA ALA B 71 13.10 -4.62 -26.33
C ALA B 71 13.83 -5.44 -25.28
N GLN B 72 14.78 -6.25 -25.75
CA GLN B 72 15.71 -6.90 -24.85
C GLN B 72 17.14 -6.73 -25.34
N ILE B 73 18.07 -6.67 -24.40
CA ILE B 73 19.49 -6.52 -24.74
C ILE B 73 20.28 -7.64 -24.10
N ASN B 74 21.48 -7.87 -24.63
CA ASN B 74 22.37 -8.92 -24.12
C ASN B 74 23.23 -8.43 -22.99
N GLN B 75 22.56 -8.08 -21.90
CA GLN B 75 23.19 -7.60 -20.69
C GLN B 75 22.40 -8.24 -19.57
N ARG B 76 22.96 -8.23 -18.39
CA ARG B 76 22.25 -8.74 -17.24
C ARG B 76 20.90 -8.03 -17.05
N ASP B 77 20.90 -6.71 -17.19
CA ASP B 77 19.65 -5.93 -17.17
C ASP B 77 19.04 -5.98 -18.56
N ARG B 78 18.35 -7.08 -18.83
CA ARG B 78 18.04 -7.53 -20.18
C ARG B 78 16.84 -6.87 -20.81
N TRP B 79 15.78 -6.68 -20.04
CA TRP B 79 14.50 -6.28 -20.61
C TRP B 79 14.19 -4.80 -20.44
N HIS B 80 14.14 -4.10 -21.56
CA HIS B 80 13.93 -2.65 -21.60
C HIS B 80 12.48 -2.28 -21.38
N MET B 81 12.20 -1.63 -20.25
CA MET B 81 10.84 -1.25 -19.89
C MET B 81 10.69 0.26 -20.06
N GLN B 82 9.85 0.64 -21.01
CA GLN B 82 9.56 2.04 -21.29
C GLN B 82 8.46 2.45 -20.31
N LEU B 83 8.70 3.49 -19.53
CA LEU B 83 7.85 3.77 -18.39
C LEU B 83 6.72 4.72 -18.68
N GLN B 84 5.62 4.52 -17.95
CA GLN B 84 4.49 5.43 -17.91
C GLN B 84 4.41 5.96 -16.49
N ASN B 85 3.58 6.97 -16.28
CA ASN B 85 3.24 7.36 -14.93
C ASN B 85 2.49 6.19 -14.30
N LEU B 86 2.51 6.09 -12.98
CA LEU B 86 1.88 4.93 -12.33
C LEU B 86 0.38 4.80 -12.60
N ASN B 87 -0.29 5.90 -12.93
CA ASN B 87 -1.71 5.80 -13.29
C ASN B 87 -1.95 5.40 -14.75
N GLY B 88 -0.90 5.09 -15.49
CA GLY B 88 -1.05 4.66 -16.87
C GLY B 88 -0.94 5.78 -17.88
N THR B 89 -0.88 7.04 -17.43
CA THR B 89 -0.75 8.16 -18.37
C THR B 89 0.70 8.26 -18.88
N THR B 90 0.86 8.99 -19.97
CA THR B 90 2.14 9.09 -20.67
C THR B 90 3.14 9.84 -19.82
N TYR B 91 4.32 9.27 -19.65
CA TYR B 91 5.37 9.93 -18.91
C TYR B 91 6.01 11.01 -19.79
N ASP B 92 6.19 12.19 -19.22
CA ASP B 92 6.83 13.30 -19.92
C ASP B 92 8.19 13.57 -19.26
N PRO B 93 9.28 13.20 -19.93
CA PRO B 93 10.61 13.39 -19.36
C PRO B 93 11.02 14.83 -19.08
N THR B 94 10.30 15.81 -19.66
CA THR B 94 10.60 17.22 -19.41
C THR B 94 9.85 17.77 -18.19
N ASP B 95 9.06 16.93 -17.53
CA ASP B 95 8.38 17.33 -16.28
C ASP B 95 9.41 17.70 -15.21
N ASP B 96 9.01 18.60 -14.31
CA ASP B 96 9.90 19.09 -13.25
C ASP B 96 9.97 18.12 -12.07
N VAL B 97 10.33 16.88 -12.35
CA VAL B 97 10.54 15.87 -11.32
C VAL B 97 11.88 15.18 -11.56
N PRO B 98 12.44 14.55 -10.51
CA PRO B 98 13.69 13.83 -10.71
C PRO B 98 13.53 12.58 -11.57
N ALA B 99 12.32 12.04 -11.57
CA ALA B 99 12.01 10.75 -12.18
C ALA B 99 10.50 10.55 -12.08
N PRO B 100 9.96 9.55 -12.78
CA PRO B 100 8.56 9.24 -12.57
C PRO B 100 8.29 9.03 -11.08
N LEU B 101 7.13 9.48 -10.62
CA LEU B 101 6.80 9.43 -9.21
C LEU B 101 6.75 7.98 -8.75
N GLY B 102 7.24 7.72 -7.54
CA GLY B 102 7.35 6.35 -7.03
C GLY B 102 8.66 5.62 -7.32
N THR B 103 9.47 6.13 -8.27
CA THR B 103 10.78 5.54 -8.56
C THR B 103 11.60 5.36 -7.27
N PRO B 104 12.35 4.25 -7.14
CA PRO B 104 13.19 4.06 -5.96
C PRO B 104 14.24 5.17 -5.81
N ASP B 105 14.51 5.57 -4.56
CA ASP B 105 15.45 6.68 -4.27
C ASP B 105 16.73 6.24 -3.56
N PHE B 106 17.17 5.02 -3.82
CA PHE B 106 18.37 4.49 -3.21
C PHE B 106 19.15 3.61 -4.16
N LYS B 107 20.42 3.40 -3.85
CA LYS B 107 21.27 2.50 -4.60
C LYS B 107 21.07 1.09 -4.04
N GLY B 108 20.77 0.15 -4.92
CA GLY B 108 20.57 -1.23 -4.50
C GLY B 108 19.81 -2.00 -5.57
N VAL B 109 19.32 -3.18 -5.19
CA VAL B 109 18.45 -3.96 -6.03
C VAL B 109 17.08 -4.05 -5.36
N VAL B 110 16.02 -3.77 -6.11
CA VAL B 110 14.67 -3.99 -5.64
C VAL B 110 14.20 -5.28 -6.27
N PHE B 111 13.74 -6.21 -5.45
CA PHE B 111 13.19 -7.44 -5.98
C PHE B 111 11.68 -7.46 -5.77
N GLY B 112 10.99 -8.11 -6.71
CA GLY B 112 9.57 -8.23 -6.64
C GLY B 112 9.10 -9.10 -7.79
N MET B 113 7.94 -8.76 -8.33
CA MET B 113 7.39 -9.48 -9.47
C MET B 113 6.98 -8.53 -10.57
N VAL B 114 7.11 -9.01 -11.80
CA VAL B 114 6.55 -8.34 -12.95
C VAL B 114 5.30 -9.07 -13.37
N SER B 115 4.34 -8.33 -13.90
CA SER B 115 3.13 -8.94 -14.43
C SER B 115 2.81 -8.26 -15.73
N GLN B 116 2.30 -9.03 -16.69
CA GLN B 116 1.88 -8.47 -17.97
C GLN B 116 0.43 -8.81 -18.25
N ARG B 117 -0.21 -7.94 -19.02
CA ARG B 117 -1.55 -8.18 -19.54
C ARG B 117 -1.57 -7.60 -20.93
N ASN B 118 -1.72 -8.46 -21.93
CA ASN B 118 -1.59 -8.04 -23.32
C ASN B 118 -2.72 -7.13 -23.76
N VAL B 119 -2.40 -6.20 -24.66
CA VAL B 119 -3.40 -5.41 -25.33
C VAL B 119 -3.05 -5.35 -26.82
N GLY B 120 -3.98 -4.86 -27.62
CA GLY B 120 -3.82 -4.83 -29.09
C GLY B 120 -4.17 -6.17 -29.74
N ASN B 121 -3.42 -6.52 -30.78
CA ASN B 121 -3.74 -7.66 -31.63
C ASN B 121 -3.19 -9.02 -31.19
N ASP B 122 -2.14 -9.00 -30.38
CA ASP B 122 -1.45 -10.21 -30.04
C ASP B 122 -1.98 -10.76 -28.70
N ALA B 123 -2.95 -11.68 -28.82
CA ALA B 123 -3.52 -12.36 -27.65
C ALA B 123 -3.93 -11.37 -26.56
N PRO B 124 -4.75 -10.37 -26.91
CA PRO B 124 -5.18 -9.39 -25.94
C PRO B 124 -5.83 -10.06 -24.74
N GLY B 125 -5.49 -9.59 -23.54
CA GLY B 125 -6.04 -10.18 -22.32
C GLY B 125 -5.22 -11.32 -21.76
N SER B 126 -4.25 -11.85 -22.52
CA SER B 126 -3.38 -12.88 -21.96
C SER B 126 -2.44 -12.27 -20.93
N THR B 127 -2.13 -13.05 -19.90
CA THR B 127 -1.34 -12.58 -18.77
C THR B 127 -0.21 -13.54 -18.42
N ARG B 128 0.73 -13.01 -17.64
CA ARG B 128 1.83 -13.78 -17.09
C ARG B 128 2.49 -12.96 -16.00
N ALA B 129 3.08 -13.63 -15.02
CA ALA B 129 3.81 -12.95 -13.95
C ALA B 129 4.97 -13.81 -13.49
N GLN B 130 6.02 -13.15 -13.02
CA GLN B 130 7.18 -13.86 -12.49
C GLN B 130 8.02 -12.93 -11.65
N GLN B 131 8.98 -13.52 -10.98
CA GLN B 131 9.98 -12.82 -10.20
C GLN B 131 10.87 -11.93 -11.07
N ALA B 132 11.17 -10.73 -10.58
CA ALA B 132 12.03 -9.79 -11.28
C ALA B 132 12.80 -8.93 -10.30
N TRP B 133 13.86 -8.31 -10.81
CA TRP B 133 14.74 -7.44 -10.04
C TRP B 133 15.02 -6.19 -10.85
N VAL B 134 15.16 -5.07 -10.14
CA VAL B 134 15.60 -3.81 -10.72
C VAL B 134 16.80 -3.33 -9.94
N SER B 135 17.93 -3.24 -10.64
CA SER B 135 19.13 -2.68 -10.01
C SER B 135 19.16 -1.19 -10.30
N THR B 136 19.26 -0.39 -9.24
CA THR B 136 19.35 1.06 -9.41
C THR B 136 20.78 1.51 -9.67
N TYR B 137 21.73 0.57 -9.58
CA TYR B 137 23.11 0.78 -10.03
C TYR B 137 23.25 0.64 -11.53
N SER B 138 22.30 0.00 -12.21
CA SER B 138 22.44 -0.36 -13.61
C SER B 138 22.68 0.86 -14.50
N PRO B 139 23.54 0.73 -15.53
CA PRO B 139 23.60 1.84 -16.49
C PRO B 139 22.30 2.00 -17.28
N GLN B 140 21.46 0.97 -17.31
CA GLN B 140 20.14 1.07 -17.95
C GLN B 140 19.03 1.51 -17.00
N PHE B 141 19.36 1.84 -15.76
CA PHE B 141 18.40 2.46 -14.85
C PHE B 141 18.42 3.94 -15.17
N VAL B 142 17.56 4.36 -16.10
CA VAL B 142 17.46 5.75 -16.53
C VAL B 142 16.02 6.24 -16.49
N PRO B 143 15.36 6.08 -15.34
CA PRO B 143 13.94 6.39 -15.28
C PRO B 143 13.59 7.83 -15.66
N LYS B 144 14.45 8.78 -15.36
CA LYS B 144 14.19 10.17 -15.75
C LYS B 144 14.09 10.27 -17.26
N LEU B 145 14.95 9.53 -17.97
CA LEU B 145 14.87 9.50 -19.43
C LEU B 145 13.66 8.71 -19.91
N GLY B 146 13.09 7.86 -19.06
CA GLY B 146 11.84 7.16 -19.38
C GLY B 146 11.92 5.64 -19.46
N SER B 147 13.02 5.04 -19.01
CA SER B 147 13.13 3.60 -19.03
C SER B 147 13.99 3.01 -17.91
N VAL B 148 13.69 1.78 -17.54
CA VAL B 148 14.57 0.97 -16.73
C VAL B 148 14.67 -0.39 -17.38
N ASN B 149 15.74 -1.14 -17.09
CA ASN B 149 15.83 -2.50 -17.57
C ASN B 149 15.66 -3.46 -16.42
N LEU B 150 15.03 -4.59 -16.70
CA LEU B 150 14.66 -5.58 -15.70
C LEU B 150 15.47 -6.84 -15.90
N ARG B 151 15.80 -7.47 -14.79
CA ARG B 151 16.26 -8.85 -14.78
C ARG B 151 15.08 -9.69 -14.33
N ILE B 152 14.79 -10.78 -15.04
CA ILE B 152 13.66 -11.66 -14.71
C ILE B 152 14.13 -13.09 -14.62
N SER B 153 13.30 -13.96 -14.05
CA SER B 153 13.71 -15.34 -13.80
C SER B 153 13.51 -16.27 -15.00
N ASP B 154 12.54 -15.96 -15.86
CA ASP B 154 12.21 -16.81 -17.01
C ASP B 154 12.13 -15.99 -18.30
N ASN B 155 13.26 -15.95 -19.00
CA ASN B 155 13.36 -15.18 -20.23
C ASN B 155 12.51 -15.70 -21.38
N ASP B 156 11.94 -16.90 -21.25
CA ASP B 156 11.12 -17.46 -22.32
C ASP B 156 9.63 -17.15 -22.21
N ASP B 157 9.20 -16.51 -21.13
CA ASP B 157 7.78 -16.22 -20.97
C ASP B 157 7.59 -14.74 -20.64
N PHE B 158 7.98 -13.87 -21.57
CA PHE B 158 7.92 -12.44 -21.34
C PHE B 158 7.81 -11.75 -22.68
N GLN B 159 6.82 -10.87 -22.84
CA GLN B 159 6.49 -10.31 -24.14
C GLN B 159 6.63 -8.79 -24.14
N PHE B 160 6.54 -8.19 -25.32
CA PHE B 160 6.60 -6.76 -25.46
C PHE B 160 5.20 -6.18 -25.27
N GLN B 161 4.78 -6.10 -24.02
CA GLN B 161 3.40 -5.84 -23.67
C GLN B 161 3.35 -4.98 -22.40
N PRO B 162 2.18 -4.45 -22.04
CA PRO B 162 2.08 -3.66 -20.81
C PRO B 162 2.52 -4.45 -19.60
N THR B 163 3.29 -3.80 -18.74
CA THR B 163 4.00 -4.45 -17.67
C THR B 163 3.94 -3.61 -16.39
N LYS B 164 3.73 -4.28 -15.27
CA LYS B 164 3.81 -3.66 -13.96
C LYS B 164 4.85 -4.37 -13.12
N PHE B 165 5.65 -3.59 -12.41
CA PHE B 165 6.57 -4.13 -11.42
C PHE B 165 6.02 -3.86 -10.02
N THR B 166 5.86 -4.91 -9.23
CA THR B 166 5.41 -4.83 -7.85
C THR B 166 6.60 -5.12 -6.92
N PRO B 167 7.02 -4.14 -6.11
CA PRO B 167 8.17 -4.38 -5.24
C PRO B 167 7.81 -5.29 -4.05
N VAL B 168 8.74 -6.14 -3.64
CA VAL B 168 8.55 -6.91 -2.43
C VAL B 168 9.59 -6.58 -1.37
N GLY B 169 10.83 -6.37 -1.81
CA GLY B 169 11.92 -6.08 -0.87
C GLY B 169 13.16 -5.56 -1.57
N VAL B 170 14.25 -5.49 -0.83
CA VAL B 170 15.50 -4.95 -1.36
C VAL B 170 16.67 -5.84 -1.00
N ASN B 171 17.78 -5.63 -1.68
CA ASN B 171 19.03 -6.27 -1.30
C ASN B 171 20.25 -5.56 -1.87
N ASP B 172 21.41 -5.95 -1.34
CA ASP B 172 22.69 -5.69 -1.98
C ASP B 172 22.65 -6.39 -3.32
N ASP B 173 23.36 -5.86 -4.31
CA ASP B 173 23.62 -6.64 -5.51
C ASP B 173 24.69 -7.69 -5.15
N ASP B 174 24.86 -8.71 -5.97
CA ASP B 174 25.76 -9.82 -5.62
C ASP B 174 27.26 -9.63 -5.99
N ASP B 175 27.70 -8.38 -6.19
CA ASP B 175 28.97 -8.16 -6.89
C ASP B 175 29.72 -6.86 -6.54
N GLY B 176 29.60 -6.41 -5.30
CA GLY B 176 30.25 -5.17 -4.86
C GLY B 176 29.47 -3.90 -5.06
N HIS B 177 28.14 -4.01 -5.22
CA HIS B 177 27.25 -2.87 -5.16
C HIS B 177 26.24 -3.02 -4.01
N PRO B 178 26.59 -2.47 -2.85
CA PRO B 178 25.78 -2.64 -1.66
C PRO B 178 24.50 -1.80 -1.64
N PHE B 179 23.52 -2.27 -0.87
CA PHE B 179 22.31 -1.51 -0.60
C PHE B 179 22.68 -0.29 0.25
N ARG B 180 22.54 0.88 -0.34
CA ARG B 180 22.85 2.14 0.36
C ARG B 180 21.63 3.06 0.35
N GLN B 181 20.88 3.06 1.44
CA GLN B 181 19.59 3.75 1.47
C GLN B 181 19.69 5.26 1.31
N TRP B 182 20.86 5.84 1.62
CA TRP B 182 21.05 7.29 1.55
C TRP B 182 21.85 7.73 0.32
N GLU B 183 22.20 6.81 -0.57
CA GLU B 183 22.83 7.19 -1.82
C GLU B 183 21.79 7.19 -2.94
N LEU B 184 21.54 8.35 -3.52
CA LEU B 184 20.60 8.46 -4.62
C LEU B 184 21.20 7.75 -5.83
N PRO B 185 20.35 7.06 -6.62
CA PRO B 185 20.82 6.60 -7.91
C PRO B 185 20.91 7.74 -8.90
N ASN B 186 21.55 7.48 -10.03
CA ASN B 186 21.54 8.41 -11.15
C ASN B 186 20.24 8.17 -11.91
N TYR B 187 19.29 9.08 -11.79
CA TYR B 187 18.02 8.90 -12.46
C TYR B 187 18.14 9.00 -13.99
N SER B 188 19.17 9.67 -14.47
CA SER B 188 19.48 9.75 -15.90
C SER B 188 20.78 8.99 -16.10
N GLY B 189 21.56 9.33 -17.12
CA GLY B 189 22.78 8.54 -17.37
C GLY B 189 23.85 8.66 -16.30
N GLU B 190 24.92 7.91 -16.49
CA GLU B 190 26.05 7.84 -15.56
C GLU B 190 26.78 9.17 -15.31
N LEU B 191 26.78 10.06 -16.30
CA LEU B 191 27.49 11.36 -16.21
C LEU B 191 26.54 12.54 -16.16
N THR B 192 25.31 12.32 -15.72
CA THR B 192 24.28 13.32 -15.77
C THR B 192 23.84 13.57 -14.36
N LEU B 193 23.62 14.83 -14.01
CA LEU B 193 23.29 15.17 -12.66
C LEU B 193 21.82 14.93 -12.52
N ASN B 194 21.41 14.52 -11.32
CA ASN B 194 20.02 14.51 -10.97
C ASN B 194 19.50 15.94 -10.88
N MET B 195 18.21 16.12 -11.16
CA MET B 195 17.58 17.43 -11.14
C MET B 195 16.24 17.42 -10.47
N ASN B 196 15.78 18.62 -10.14
CA ASN B 196 14.48 18.83 -9.50
C ASN B 196 14.38 18.05 -8.20
N LEU B 197 15.52 17.84 -7.52
CA LEU B 197 15.55 17.05 -6.30
C LEU B 197 14.88 17.77 -5.14
N ALA B 198 14.25 17.02 -4.25
CA ALA B 198 13.89 17.56 -2.96
C ALA B 198 15.20 17.83 -2.22
N PRO B 199 15.30 18.96 -1.51
CA PRO B 199 16.59 19.34 -0.97
C PRO B 199 17.09 18.40 0.12
N PRO B 200 18.42 18.42 0.38
CA PRO B 200 18.96 17.66 1.50
C PRO B 200 18.38 18.17 2.81
N VAL B 201 18.30 17.30 3.81
CA VAL B 201 17.82 17.71 5.12
C VAL B 201 18.88 17.42 6.15
N ALA B 202 19.02 18.34 7.11
CA ALA B 202 19.95 18.18 8.20
C ALA B 202 19.52 19.02 9.39
N PRO B 203 19.85 18.57 10.61
CA PRO B 203 19.58 19.47 11.71
C PRO B 203 20.55 20.65 11.62
N ASN B 204 20.11 21.83 12.00
CA ASN B 204 21.05 22.96 12.08
C ASN B 204 21.09 23.64 13.45
N PHE B 205 20.29 23.16 14.40
CA PHE B 205 20.46 23.51 15.80
C PHE B 205 21.46 22.57 16.48
N PRO B 206 22.32 23.11 17.36
CA PRO B 206 23.28 22.22 18.02
C PRO B 206 22.60 21.27 19.00
N GLY B 207 23.13 20.05 19.10
CA GLY B 207 22.52 19.03 19.92
C GLY B 207 21.36 18.30 19.27
N GLU B 208 21.01 18.67 18.04
CA GLU B 208 19.85 18.05 17.37
C GLU B 208 20.24 16.99 16.36
N GLN B 209 19.35 15.99 16.23
CA GLN B 209 19.52 14.92 15.27
C GLN B 209 18.20 14.66 14.57
N LEU B 210 18.29 14.09 13.38
CA LEU B 210 17.11 13.63 12.65
C LEU B 210 16.46 12.46 13.37
N LEU B 211 15.13 12.45 13.38
CA LEU B 211 14.34 11.30 13.83
C LEU B 211 13.70 10.62 12.62
N PHE B 212 13.83 9.30 12.52
CA PHE B 212 13.31 8.53 11.40
C PHE B 212 12.23 7.55 11.80
N PHE B 213 11.28 7.33 10.90
CA PHE B 213 10.36 6.22 10.99
C PHE B 213 11.00 5.06 10.24
N ARG B 214 11.35 4.01 10.99
CA ARG B 214 12.17 2.92 10.49
C ARG B 214 11.39 1.65 10.19
N SER B 215 11.68 1.05 9.04
CA SER B 215 11.15 -0.27 8.70
C SER B 215 12.28 -1.26 8.41
N PHE B 216 12.07 -2.51 8.78
CA PHE B 216 12.96 -3.60 8.37
C PHE B 216 12.28 -4.37 7.26
N VAL B 217 12.69 -4.10 6.03
CA VAL B 217 12.01 -4.64 4.85
C VAL B 217 12.56 -6.03 4.47
N PRO B 218 11.80 -6.79 3.68
CA PRO B 218 12.25 -8.11 3.27
C PRO B 218 13.55 -8.06 2.45
N CYS B 219 14.44 -9.02 2.67
CA CYS B 219 15.57 -9.23 1.77
C CYS B 219 15.49 -10.63 1.17
N SER B 220 16.20 -10.81 0.06
CA SER B 220 16.13 -12.03 -0.73
C SER B 220 17.41 -12.88 -0.68
N GLY B 221 18.08 -12.94 0.46
CA GLY B 221 19.33 -13.71 0.56
C GLY B 221 20.34 -12.94 1.36
N GLY B 222 21.25 -13.65 2.03
CA GLY B 222 22.23 -12.98 2.89
C GLY B 222 21.63 -12.40 4.17
N TYR B 223 22.34 -11.43 4.73
CA TYR B 223 22.13 -10.98 6.09
C TYR B 223 21.72 -9.52 6.22
N ASN B 224 21.54 -8.82 5.11
CA ASN B 224 21.18 -7.42 5.21
C ASN B 224 19.94 -7.24 6.12
N GLN B 225 19.99 -6.24 6.99
CA GLN B 225 18.88 -5.98 7.91
C GLN B 225 17.65 -5.36 7.22
N GLY B 226 17.82 -4.87 6.00
CA GLY B 226 16.73 -4.28 5.23
C GLY B 226 16.21 -2.96 5.79
N ILE B 227 17.09 -2.18 6.40
CA ILE B 227 16.69 -0.92 7.01
C ILE B 227 16.33 0.12 5.95
N ILE B 228 15.11 0.62 6.01
CA ILE B 228 14.70 1.81 5.26
C ILE B 228 14.08 2.80 6.20
N ASP B 229 14.70 3.98 6.28
CA ASP B 229 14.29 5.05 7.17
C ASP B 229 13.58 6.11 6.36
N CYS B 230 12.41 6.55 6.82
CA CYS B 230 11.73 7.67 6.18
C CYS B 230 11.57 8.85 7.15
N LEU B 231 11.44 10.03 6.57
CA LEU B 231 11.35 11.27 7.32
C LEU B 231 10.00 11.44 7.97
N ILE B 232 8.95 11.22 7.18
CA ILE B 232 7.59 11.20 7.65
C ILE B 232 6.88 10.06 6.97
N PRO B 233 5.92 9.45 7.66
CA PRO B 233 5.21 8.31 7.09
C PRO B 233 4.20 8.70 6.01
N GLN B 234 3.84 7.71 5.20
CA GLN B 234 3.00 7.98 4.06
C GLN B 234 1.68 8.60 4.50
N GLU B 235 1.10 8.12 5.60
CA GLU B 235 -0.19 8.66 6.07
C GLU B 235 -0.15 10.15 6.43
N TRP B 236 1.01 10.63 6.88
CA TRP B 236 1.15 12.05 7.19
C TRP B 236 1.17 12.83 5.90
N ILE B 237 1.86 12.29 4.89
CA ILE B 237 1.91 12.93 3.58
C ILE B 237 0.51 13.05 3.00
N GLN B 238 -0.22 11.94 3.07
CA GLN B 238 -1.61 11.91 2.61
C GLN B 238 -2.47 12.93 3.38
N HIS B 239 -2.25 13.03 4.68
CA HIS B 239 -3.00 13.98 5.50
C HIS B 239 -2.64 15.43 5.14
N PHE B 240 -1.36 15.74 5.01
CA PHE B 240 -0.98 17.11 4.69
C PHE B 240 -1.48 17.51 3.32
N TYR B 241 -1.50 16.55 2.40
CA TYR B 241 -1.98 16.83 1.03
C TYR B 241 -3.44 17.26 1.06
N GLN B 242 -4.24 16.61 1.89
CA GLN B 242 -5.66 16.93 2.03
C GLN B 242 -5.87 18.29 2.66
N GLU B 243 -5.17 18.50 3.75
CA GLU B 243 -5.46 19.59 4.66
C GLU B 243 -5.02 20.91 4.06
N SER B 244 -3.78 20.90 3.55
CA SER B 244 -3.12 22.10 3.06
C SER B 244 -3.30 23.25 4.06
N ALA B 245 -3.08 22.96 5.35
CA ALA B 245 -3.16 23.99 6.38
C ALA B 245 -1.96 24.92 6.19
N PRO B 246 -2.21 26.24 6.12
CA PRO B 246 -1.03 27.11 5.95
C PRO B 246 -0.09 26.96 7.14
N SER B 247 1.21 26.87 6.89
CA SER B 247 2.20 26.73 7.95
C SER B 247 2.46 28.11 8.53
N GLN B 248 2.27 28.26 9.84
CA GLN B 248 2.46 29.56 10.48
C GLN B 248 3.90 29.90 10.83
N SER B 249 4.79 28.91 10.85
CA SER B 249 6.19 29.15 11.13
C SER B 249 7.01 28.04 10.50
N ASP B 250 8.33 28.10 10.69
CA ASP B 250 9.24 27.12 10.11
C ASP B 250 9.22 25.78 10.83
N VAL B 251 8.58 25.72 12.01
CA VAL B 251 8.66 24.53 12.87
C VAL B 251 7.38 24.34 13.65
N ALA B 252 6.84 23.14 13.55
CA ALA B 252 5.70 22.73 14.36
C ALA B 252 6.23 21.87 15.51
N LEU B 253 6.01 22.32 16.74
CA LEU B 253 6.40 21.53 17.90
C LEU B 253 5.41 20.38 18.04
N ILE B 254 5.93 19.17 18.14
CA ILE B 254 5.07 18.00 18.30
C ILE B 254 5.49 17.18 19.51
N ARG B 255 4.53 16.53 20.14
CA ARG B 255 4.74 15.75 21.35
C ARG B 255 4.36 14.30 21.08
N TYR B 256 5.23 13.37 21.45
CA TYR B 256 4.89 11.96 21.38
C TYR B 256 4.18 11.62 22.67
N VAL B 257 2.90 11.25 22.56
CA VAL B 257 2.08 11.06 23.75
C VAL B 257 1.68 9.61 23.94
N ASN B 258 1.45 9.25 25.19
CA ASN B 258 0.80 8.02 25.50
C ASN B 258 -0.66 8.34 25.75
N PRO B 259 -1.56 7.87 24.87
CA PRO B 259 -2.96 8.31 24.96
C PRO B 259 -3.75 7.74 26.13
N ASP B 260 -3.31 6.61 26.69
CA ASP B 260 -3.98 6.01 27.85
C ASP B 260 -3.70 6.83 29.09
N THR B 261 -2.41 6.99 29.38
CA THR B 261 -1.98 7.72 30.56
C THR B 261 -2.04 9.24 30.36
N GLY B 262 -2.10 9.68 29.11
CA GLY B 262 -2.14 11.12 28.80
C GLY B 262 -0.79 11.82 28.89
N ARG B 263 0.27 11.09 29.20
CA ARG B 263 1.59 11.65 29.44
C ARG B 263 2.34 11.93 28.14
N THR B 264 3.09 13.02 28.10
CA THR B 264 3.99 13.29 27.00
C THR B 264 5.34 12.64 27.29
N LEU B 265 5.83 11.87 26.34
CA LEU B 265 7.04 11.08 26.53
C LEU B 265 8.28 11.82 26.05
N PHE B 266 8.14 12.56 24.96
CA PHE B 266 9.19 13.45 24.50
C PHE B 266 8.62 14.43 23.48
N GLU B 267 9.42 15.39 23.08
CA GLU B 267 8.96 16.37 22.11
C GLU B 267 9.96 16.47 21.00
N ALA B 268 9.51 17.03 19.89
CA ALA B 268 10.32 17.09 18.68
C ALA B 268 9.94 18.28 17.80
N LYS B 269 10.84 18.63 16.90
CA LYS B 269 10.58 19.70 15.94
C LYS B 269 10.20 19.07 14.62
N LEU B 270 8.99 19.36 14.16
CA LEU B 270 8.54 18.98 12.82
C LEU B 270 8.68 20.19 11.91
N HIS B 271 9.70 20.16 11.06
CA HIS B 271 10.04 21.29 10.22
C HIS B 271 9.12 21.41 9.01
N ARG B 272 8.96 22.66 8.54
CA ARG B 272 8.00 23.02 7.49
C ARG B 272 8.21 22.18 6.25
N SER B 273 9.47 21.89 5.92
CA SER B 273 9.75 21.11 4.73
C SER B 273 9.52 19.59 4.90
N GLY B 274 9.12 19.15 6.10
CA GLY B 274 8.62 17.79 6.30
C GLY B 274 9.64 16.80 6.82
N TYR B 275 10.31 17.15 7.91
CA TYR B 275 11.19 16.23 8.61
C TYR B 275 11.23 16.61 10.09
N ILE B 276 11.72 15.68 10.89
CA ILE B 276 11.67 15.80 12.34
C ILE B 276 13.05 15.81 12.93
N THR B 277 13.29 16.72 13.87
CA THR B 277 14.54 16.67 14.67
C THR B 277 14.24 16.51 16.15
N VAL B 278 15.20 15.91 16.85
CA VAL B 278 15.13 15.75 18.30
C VAL B 278 16.47 16.10 18.95
N ALA B 279 16.42 16.48 20.23
CA ALA B 279 17.62 16.78 21.01
C ALA B 279 18.16 15.48 21.59
N HIS B 280 19.18 14.94 20.94
CA HIS B 280 19.78 13.69 21.37
C HIS B 280 21.12 13.56 20.71
N SER B 281 21.98 12.75 21.32
CA SER B 281 23.31 12.53 20.82
C SER B 281 23.55 11.02 20.71
N GLY B 282 23.86 10.57 19.50
CA GLY B 282 24.16 9.15 19.24
C GLY B 282 23.01 8.43 18.55
N ASP B 283 23.35 7.35 17.86
CA ASP B 283 22.37 6.43 17.31
C ASP B 283 21.56 5.84 18.46
N TYR B 284 20.25 5.83 18.32
CA TYR B 284 19.37 5.30 19.35
C TYR B 284 18.07 4.81 18.73
N PRO B 285 17.79 3.50 18.80
CA PRO B 285 16.46 3.01 18.56
C PRO B 285 15.56 3.35 19.73
N LEU B 286 14.49 4.11 19.50
CA LEU B 286 13.65 4.55 20.61
C LEU B 286 12.88 3.37 21.19
N VAL B 287 12.69 3.36 22.50
CA VAL B 287 11.84 2.35 23.10
C VAL B 287 10.67 3.08 23.75
N VAL B 288 9.51 2.86 23.17
CA VAL B 288 8.32 3.67 23.44
C VAL B 288 7.13 2.73 23.44
N PRO B 289 6.09 3.09 24.21
CA PRO B 289 4.94 2.21 24.28
C PRO B 289 4.24 2.08 22.93
N ALA B 290 3.65 0.90 22.70
CA ALA B 290 3.06 0.57 21.41
C ALA B 290 1.88 1.46 21.03
N ASN B 291 1.15 2.00 22.01
CA ASN B 291 0.00 2.84 21.73
C ASN B 291 0.34 4.31 21.42
N GLY B 292 1.62 4.63 21.35
CA GLY B 292 2.04 6.03 21.30
C GLY B 292 1.94 6.65 19.92
N HIS B 293 1.77 7.96 19.89
CA HIS B 293 1.73 8.70 18.64
C HIS B 293 2.02 10.17 18.84
N PHE B 294 2.46 10.82 17.77
CA PHE B 294 2.70 12.26 17.80
C PHE B 294 1.41 13.06 17.76
N ARG B 295 1.41 14.20 18.46
CA ARG B 295 0.33 15.20 18.34
C ARG B 295 0.95 16.57 18.12
N PHE B 296 0.27 17.41 17.36
CA PHE B 296 0.72 18.78 17.15
C PHE B 296 0.49 19.59 18.42
N ASP B 297 1.52 20.29 18.89
CA ASP B 297 1.44 21.14 20.07
C ASP B 297 1.25 22.61 19.65
N SER B 298 2.24 23.17 18.96
CA SER B 298 2.19 24.58 18.60
C SER B 298 3.24 24.94 17.58
N TRP B 299 3.04 26.09 16.95
CA TRP B 299 4.03 26.64 16.04
C TRP B 299 5.11 27.38 16.84
N VAL B 300 6.36 27.06 16.56
CA VAL B 300 7.50 27.65 17.23
C VAL B 300 8.45 28.02 16.12
N ASN B 301 9.71 28.22 16.42
CA ASN B 301 10.64 28.56 15.37
C ASN B 301 11.94 27.83 15.52
N GLN B 302 12.82 28.07 14.57
CA GLN B 302 14.12 27.42 14.51
C GLN B 302 14.88 27.41 15.84
N PHE B 303 14.75 28.49 16.62
CA PHE B 303 15.54 28.67 17.83
C PHE B 303 14.96 27.97 19.04
N TYR B 304 13.80 27.34 18.90
CA TYR B 304 13.16 26.66 20.02
C TYR B 304 14.11 25.62 20.59
N SER B 305 14.22 25.62 21.92
CA SER B 305 15.13 24.70 22.59
C SER B 305 14.36 23.47 23.07
N LEU B 306 14.60 22.33 22.41
CA LEU B 306 13.88 21.09 22.75
C LEU B 306 14.36 20.50 24.08
N ALA B 307 13.42 20.00 24.87
CA ALA B 307 13.77 19.16 26.01
C ALA B 307 14.53 17.95 25.48
N PRO B 308 15.61 17.53 26.17
CA PRO B 308 16.33 16.36 25.67
C PRO B 308 15.39 15.18 25.56
N MET B 309 15.51 14.45 24.46
CA MET B 309 14.75 13.25 24.21
C MET B 309 15.40 12.10 24.96
#